data_7N03
#
_entry.id   7N03
#
_cell.length_a   59.806
_cell.length_b   66.068
_cell.length_c   36.585
_cell.angle_alpha   90.000
_cell.angle_beta   90.000
_cell.angle_gamma   90.000
#
_symmetry.space_group_name_H-M   'P 21 21 2'
#
loop_
_entity.id
_entity.type
_entity.pdbx_description
1 polymer '7,8-dihydro-8-oxoguanine triphosphatase'
2 non-polymer 4-anilino-6-(hexylamino)-N-methylquinoline-3-carboxamide
3 non-polymer 'SULFATE ION'
4 water water
#
_entity_poly.entity_id   1
_entity_poly.type   'polypeptide(L)'
_entity_poly.pdbx_seq_one_letter_code
;GSMGASRLYTLVLVLQPQRVLLGMKKRGFGAGRWNGFGGKVQEGETIEDGARRELQEESGLTVDALHKVGQIVFEFVGEP
ELMDVHVFCTDSIQGTPVESDEMRPCWFQLDQIPFKDMWPDDSYWFPLLLQKKKFHGYFKFQGQDTILDYTLREVDTV
;
_entity_poly.pdbx_strand_id   A
#
# COMPACT_ATOMS: atom_id res chain seq x y z
N ALA A 5 -19.03 10.08 0.25
CA ALA A 5 -17.85 10.94 0.21
C ALA A 5 -16.65 10.04 0.49
N SER A 6 -16.31 9.15 -0.45
CA SER A 6 -15.00 8.45 -0.47
C SER A 6 -14.37 8.59 -1.84
N ARG A 7 -13.05 8.71 -1.83
CA ARG A 7 -12.19 8.82 -3.05
C ARG A 7 -11.40 7.52 -3.20
N LEU A 8 -11.31 6.99 -4.41
CA LEU A 8 -10.66 5.71 -4.66
C LEU A 8 -9.15 5.88 -4.77
N TYR A 9 -8.45 5.02 -4.08
CA TYR A 9 -6.98 4.88 -4.17
C TYR A 9 -6.65 3.39 -4.33
N THR A 10 -5.42 3.17 -4.80
CA THR A 10 -4.82 1.85 -4.78
C THR A 10 -3.54 1.88 -3.97
N LEU A 11 -3.13 0.69 -3.53
CA LEU A 11 -1.88 0.50 -2.81
C LEU A 11 -1.36 -0.89 -3.17
N VAL A 12 -0.10 -0.97 -3.61
CA VAL A 12 0.50 -2.23 -4.05
C VAL A 12 1.67 -2.58 -3.15
N LEU A 13 1.65 -3.81 -2.66
CA LEU A 13 2.75 -4.38 -1.89
C LEU A 13 3.41 -5.44 -2.75
N VAL A 14 4.72 -5.30 -2.96
CA VAL A 14 5.56 -6.30 -3.67
C VAL A 14 6.13 -7.20 -2.59
N LEU A 15 5.52 -8.36 -2.43
CA LEU A 15 5.83 -9.28 -1.32
C LEU A 15 6.33 -10.58 -1.93
N GLN A 16 7.58 -10.89 -1.65
CA GLN A 16 8.24 -12.12 -2.12
C GLN A 16 8.41 -13.00 -0.88
N PRO A 17 8.88 -14.25 -1.06
CA PRO A 17 8.87 -15.20 0.05
C PRO A 17 9.63 -14.72 1.30
N GLN A 18 10.72 -13.99 1.11
CA GLN A 18 11.56 -13.58 2.25
C GLN A 18 11.71 -12.07 2.36
N ARG A 19 11.04 -11.26 1.54
CA ARG A 19 11.31 -9.82 1.55
C ARG A 19 10.10 -9.09 0.99
N VAL A 20 10.03 -7.81 1.34
CA VAL A 20 8.96 -6.92 0.83
C VAL A 20 9.64 -5.63 0.38
N LEU A 21 9.09 -5.03 -0.67
CA LEU A 21 9.61 -3.76 -1.19
C LEU A 21 8.75 -2.64 -0.63
N LEU A 22 9.38 -1.64 -0.04
CA LEU A 22 8.68 -0.44 0.41
C LEU A 22 9.42 0.77 -0.17
N GLY A 23 8.75 1.90 -0.20
CA GLY A 23 9.33 3.14 -0.72
C GLY A 23 9.33 4.20 0.31
N MET A 24 10.47 4.86 0.51
CA MET A 24 10.54 6.02 1.38
C MET A 24 10.01 7.23 0.63
N LYS A 25 8.99 7.83 1.16
CA LYS A 25 8.35 8.96 0.51
C LYS A 25 9.13 10.21 0.82
N LYS A 26 9.54 10.93 -0.21
CA LYS A 26 10.45 12.08 -0.02
C LYS A 26 9.70 13.42 0.23
N ARG A 27 8.47 13.59 -0.25
CA ARG A 27 7.78 14.93 -0.22
C ARG A 27 6.28 14.82 0.11
N GLY A 28 5.71 15.89 0.68
CA GLY A 28 4.27 15.99 0.95
C GLY A 28 3.82 14.87 1.90
N PHE A 29 2.49 14.56 1.83
CA PHE A 29 1.78 13.84 2.91
C PHE A 29 2.34 12.43 3.12
N GLY A 30 2.79 12.17 4.34
CA GLY A 30 3.41 10.87 4.70
C GLY A 30 4.88 10.83 4.31
N ALA A 31 5.48 11.98 4.04
CA ALA A 31 6.93 12.11 3.80
C ALA A 31 7.69 11.57 5.02
N GLY A 32 8.78 10.84 4.80
CA GLY A 32 9.65 10.30 5.87
C GLY A 32 9.19 8.94 6.36
N ARG A 33 8.19 8.37 5.72
CA ARG A 33 7.74 7.01 6.04
C ARG A 33 7.91 6.10 4.85
N TRP A 34 8.10 4.83 5.16
CA TRP A 34 8.11 3.75 4.18
C TRP A 34 6.68 3.40 3.87
N ASN A 35 6.33 3.35 2.61
CA ASN A 35 4.97 3.23 2.06
CA ASN A 35 4.97 3.10 2.14
C ASN A 35 4.99 2.04 1.06
N GLY A 36 3.84 1.42 0.85
CA GLY A 36 3.63 0.73 -0.43
C GLY A 36 3.44 1.76 -1.52
N PHE A 37 3.16 1.25 -2.72
CA PHE A 37 3.14 2.10 -3.95
C PHE A 37 1.69 2.28 -4.37
N GLY A 38 1.24 3.50 -4.37
CA GLY A 38 -0.17 3.73 -4.65
C GLY A 38 -0.48 5.16 -4.95
N GLY A 39 -1.77 5.41 -5.20
CA GLY A 39 -2.24 6.76 -5.50
C GLY A 39 -3.67 6.72 -5.95
N LYS A 40 -4.13 7.86 -6.41
CA LYS A 40 -5.55 8.03 -6.81
C LYS A 40 -5.87 7.32 -8.11
N VAL A 41 -7.02 6.68 -8.15
CA VAL A 41 -7.53 6.06 -9.38
C VAL A 41 -8.09 7.17 -10.28
N GLN A 42 -7.82 7.04 -11.59
CA GLN A 42 -8.18 8.08 -12.55
C GLN A 42 -9.55 7.82 -13.18
N GLU A 43 -10.09 8.85 -13.82
CA GLU A 43 -11.33 8.78 -14.58
C GLU A 43 -11.18 7.77 -15.71
N GLY A 44 -12.14 6.88 -15.80
CA GLY A 44 -12.17 5.87 -16.88
C GLY A 44 -11.17 4.75 -16.72
N GLU A 45 -10.53 4.66 -15.57
CA GLU A 45 -9.51 3.64 -15.29
C GLU A 45 -10.10 2.60 -14.38
N THR A 46 -9.82 1.31 -14.59
CA THR A 46 -10.18 0.29 -13.59
C THR A 46 -9.28 0.43 -12.36
N ILE A 47 -9.78 -0.08 -11.23
CA ILE A 47 -8.94 -0.03 -10.02
C ILE A 47 -7.66 -0.83 -10.25
N GLU A 48 -7.75 -2.02 -10.85
CA GLU A 48 -6.51 -2.83 -11.07
C GLU A 48 -5.56 -2.12 -12.03
N ASP A 49 -6.08 -1.49 -13.08
CA ASP A 49 -5.18 -0.76 -14.01
C ASP A 49 -4.53 0.37 -13.25
N GLY A 50 -5.27 1.05 -12.40
CA GLY A 50 -4.65 2.12 -11.59
C GLY A 50 -3.55 1.59 -10.70
N ALA A 51 -3.77 0.41 -10.12
CA ALA A 51 -2.75 -0.17 -9.21
C ALA A 51 -1.47 -0.44 -10.00
N ARG A 52 -1.61 -1.03 -11.20
CA ARG A 52 -0.43 -1.33 -12.04
CA ARG A 52 -0.41 -1.31 -12.02
C ARG A 52 0.30 -0.04 -12.41
N ARG A 53 -0.48 0.98 -12.79
CA ARG A 53 0.09 2.29 -13.16
C ARG A 53 0.85 2.89 -11.98
N GLU A 54 0.22 2.91 -10.80
CA GLU A 54 0.90 3.49 -9.64
C GLU A 54 2.17 2.75 -9.30
N LEU A 55 2.17 1.44 -9.40
CA LEU A 55 3.42 0.72 -9.08
C LEU A 55 4.51 1.21 -10.03
N GLN A 56 4.20 1.33 -11.31
CA GLN A 56 5.30 1.75 -12.22
CA GLN A 56 5.25 1.77 -12.27
C GLN A 56 5.71 3.20 -11.92
N GLU A 57 4.73 4.09 -11.74
CA GLU A 57 5.06 5.52 -11.51
C GLU A 57 5.96 5.66 -10.29
N GLU A 58 5.65 4.93 -9.22
CA GLU A 58 6.34 5.20 -7.93
CA GLU A 58 6.29 5.17 -7.88
C GLU A 58 7.56 4.31 -7.63
N SER A 59 7.63 3.16 -8.32
CA SER A 59 8.74 2.21 -8.06
C SER A 59 9.58 1.91 -9.29
N GLY A 60 9.03 2.15 -10.47
CA GLY A 60 9.64 1.74 -11.74
C GLY A 60 9.37 0.30 -12.12
N LEU A 61 8.66 -0.49 -11.31
CA LEU A 61 8.41 -1.92 -11.61
C LEU A 61 7.17 -2.10 -12.45
N THR A 62 7.24 -3.14 -13.26
CA THR A 62 6.13 -3.62 -14.08
C THR A 62 5.51 -4.86 -13.46
N VAL A 63 4.21 -4.82 -13.18
CA VAL A 63 3.57 -6.01 -12.61
C VAL A 63 2.99 -6.84 -13.70
N ASP A 64 3.35 -8.12 -13.55
CA ASP A 64 3.00 -9.22 -14.47
C ASP A 64 1.72 -9.91 -13.97
N ALA A 65 1.57 -10.10 -12.65
CA ALA A 65 0.33 -10.61 -11.99
C ALA A 65 0.02 -9.88 -10.66
N LEU A 66 -1.22 -9.43 -10.40
CA LEU A 66 -1.68 -8.65 -9.16
C LEU A 66 -2.83 -9.43 -8.53
N HIS A 67 -2.94 -9.50 -7.23
N HIS A 67 -2.95 -9.40 -7.22
CA HIS A 67 -4.23 -9.93 -6.66
CA HIS A 67 -4.02 -10.08 -6.45
C HIS A 67 -4.63 -9.04 -5.51
C HIS A 67 -4.61 -9.09 -5.46
N LYS A 68 -5.93 -9.04 -5.35
CA LYS A 68 -6.57 -8.20 -4.34
C LYS A 68 -6.28 -8.82 -2.98
N VAL A 69 -5.91 -8.01 -2.02
CA VAL A 69 -5.77 -8.52 -0.67
C VAL A 69 -6.56 -7.74 0.36
N GLY A 70 -6.96 -6.52 0.12
CA GLY A 70 -7.74 -5.84 1.15
C GLY A 70 -8.37 -4.57 0.67
N GLN A 71 -9.22 -4.04 1.53
CA GLN A 71 -9.75 -2.70 1.38
C GLN A 71 -9.58 -2.03 2.72
N ILE A 72 -9.06 -0.82 2.74
CA ILE A 72 -8.94 -0.03 3.98
C ILE A 72 -9.52 1.33 3.70
N VAL A 73 -10.42 1.75 4.57
CA VAL A 73 -10.96 3.13 4.54
C VAL A 73 -10.23 3.93 5.59
N PHE A 74 -9.69 5.06 5.21
CA PHE A 74 -9.07 6.00 6.13
C PHE A 74 -9.90 7.25 6.27
N GLU A 75 -10.11 7.63 7.52
CA GLU A 75 -10.74 8.90 7.90
C GLU A 75 -9.70 9.74 8.63
N PHE A 76 -9.54 10.99 8.24
CA PHE A 76 -8.71 11.97 8.96
C PHE A 76 -9.60 13.02 9.57
N VAL A 77 -9.53 13.22 10.89
CA VAL A 77 -10.39 14.27 11.49
C VAL A 77 -10.04 15.64 10.85
N GLY A 78 -11.05 16.40 10.53
CA GLY A 78 -10.89 17.69 9.85
C GLY A 78 -10.78 17.60 8.34
N GLU A 79 -10.85 16.39 7.78
CA GLU A 79 -10.82 16.16 6.31
C GLU A 79 -12.16 15.54 5.88
N PRO A 80 -12.91 16.17 4.95
CA PRO A 80 -14.22 15.64 4.58
C PRO A 80 -14.14 14.34 3.81
N GLU A 81 -13.14 14.16 2.96
CA GLU A 81 -13.17 12.98 2.08
C GLU A 81 -12.53 11.76 2.75
N LEU A 82 -13.23 10.64 2.77
CA LEU A 82 -12.63 9.35 3.18
C LEU A 82 -11.76 8.85 2.03
N MET A 83 -10.70 8.14 2.38
CA MET A 83 -9.86 7.45 1.38
C MET A 83 -10.25 5.99 1.36
N ASP A 84 -10.72 5.50 0.22
CA ASP A 84 -11.09 4.10 0.03
C ASP A 84 -9.94 3.42 -0.70
N VAL A 85 -9.07 2.75 0.04
CA VAL A 85 -7.82 2.22 -0.50
C VAL A 85 -8.00 0.76 -0.82
N HIS A 86 -7.83 0.39 -2.07
CA HIS A 86 -7.85 -0.99 -2.53
C HIS A 86 -6.42 -1.50 -2.57
N VAL A 87 -6.13 -2.50 -1.74
CA VAL A 87 -4.78 -3.02 -1.54
C VAL A 87 -4.56 -4.26 -2.36
N PHE A 88 -3.41 -4.34 -3.02
CA PHE A 88 -3.05 -5.46 -3.89
C PHE A 88 -1.69 -5.92 -3.51
N CYS A 89 -1.44 -7.18 -3.83
N CYS A 89 -1.44 -7.20 -3.81
N CYS A 89 -1.38 -7.18 -3.81
CA CYS A 89 -0.16 -7.85 -3.58
CA CYS A 89 -0.11 -7.84 -3.73
CA CYS A 89 0.01 -7.68 -3.76
C CYS A 89 0.29 -8.58 -4.85
C CYS A 89 0.39 -8.32 -5.10
C CYS A 89 0.39 -8.38 -5.07
N THR A 90 1.59 -8.58 -5.14
N THR A 90 1.71 -8.29 -5.27
CA THR A 90 2.17 -9.45 -6.21
CA THR A 90 2.48 -9.02 -6.33
C THR A 90 3.54 -9.94 -5.70
C THR A 90 3.57 -9.91 -5.67
N ASP A 91 3.99 -11.09 -6.22
CA ASP A 91 5.35 -11.64 -5.98
C ASP A 91 6.21 -11.51 -7.26
N SER A 92 5.50 -11.19 -8.36
CA SER A 92 5.95 -11.35 -9.79
CA SER A 92 5.95 -11.34 -9.79
C SER A 92 5.95 -10.00 -10.55
N ILE A 93 7.17 -9.53 -10.67
CA ILE A 93 7.43 -8.19 -11.21
C ILE A 93 8.56 -8.28 -12.22
N GLN A 94 8.69 -7.25 -13.02
CA GLN A 94 9.83 -7.06 -13.93
C GLN A 94 10.37 -5.68 -13.71
N GLY A 95 11.63 -5.54 -14.05
CA GLY A 95 12.38 -4.30 -13.82
C GLY A 95 13.08 -4.35 -12.48
N THR A 96 13.86 -3.33 -12.28
CA THR A 96 14.58 -3.11 -11.00
CA THR A 96 14.67 -3.05 -11.06
C THR A 96 14.04 -1.84 -10.36
N PRO A 97 13.91 -1.82 -9.04
CA PRO A 97 13.32 -0.66 -8.43
C PRO A 97 14.13 0.60 -8.69
N VAL A 98 13.42 1.71 -8.91
CA VAL A 98 13.99 3.02 -9.30
C VAL A 98 13.80 4.03 -8.18
N GLU A 99 14.90 4.66 -7.79
CA GLU A 99 14.80 5.85 -6.94
C GLU A 99 14.54 7.07 -7.80
N SER A 100 13.55 7.82 -7.38
CA SER A 100 13.20 9.06 -8.03
C SER A 100 13.23 10.19 -7.03
N ASP A 101 12.92 11.38 -7.51
CA ASP A 101 12.78 12.55 -6.62
C ASP A 101 11.68 12.33 -5.60
N GLU A 102 10.72 11.46 -5.87
CA GLU A 102 9.57 11.27 -4.99
C GLU A 102 9.68 10.09 -4.06
N MET A 103 10.40 9.05 -4.46
CA MET A 103 10.36 7.79 -3.70
C MET A 103 11.70 7.09 -3.78
N ARG A 104 12.10 6.48 -2.66
CA ARG A 104 13.33 5.64 -2.63
C ARG A 104 12.93 4.22 -2.24
N PRO A 105 12.76 3.30 -3.21
CA PRO A 105 12.44 1.92 -2.86
C PRO A 105 13.60 1.14 -2.23
N CYS A 106 13.28 0.28 -1.26
N CYS A 106 13.30 0.35 -1.20
CA CYS A 106 14.25 -0.56 -0.53
CA CYS A 106 14.25 -0.61 -0.63
C CYS A 106 13.56 -1.88 -0.21
C CYS A 106 13.54 -1.90 -0.27
N TRP A 107 14.28 -2.98 -0.33
CA TRP A 107 13.81 -4.30 0.13
C TRP A 107 14.07 -4.44 1.63
N PHE A 108 13.13 -5.08 2.30
CA PHE A 108 13.24 -5.43 3.73
C PHE A 108 12.99 -6.91 3.89
N GLN A 109 13.89 -7.57 4.62
CA GLN A 109 13.56 -8.92 5.12
C GLN A 109 12.33 -8.84 6.02
N LEU A 110 11.52 -9.91 6.07
CA LEU A 110 10.16 -9.76 6.67
C LEU A 110 10.22 -9.50 8.18
N ASP A 111 11.20 -10.06 8.88
CA ASP A 111 11.29 -9.75 10.32
C ASP A 111 11.98 -8.41 10.61
N GLN A 112 12.30 -7.60 9.56
CA GLN A 112 12.96 -6.29 9.70
C GLN A 112 12.10 -5.19 9.07
N ILE A 113 10.82 -5.42 8.94
CA ILE A 113 9.92 -4.37 8.39
C ILE A 113 9.95 -3.20 9.34
N PRO A 114 10.15 -1.95 8.83
CA PRO A 114 10.45 -0.82 9.70
C PRO A 114 9.16 -0.15 10.19
N PHE A 115 8.40 -0.84 11.04
CA PHE A 115 7.08 -0.33 11.47
C PHE A 115 7.17 1.04 12.17
N LYS A 116 8.26 1.33 12.88
CA LYS A 116 8.39 2.62 13.58
C LYS A 116 8.40 3.77 12.60
N ASP A 117 8.81 3.46 11.36
CA ASP A 117 8.92 4.50 10.29
C ASP A 117 7.89 4.23 9.19
N MET A 118 6.75 3.66 9.57
CA MET A 118 5.63 3.39 8.67
C MET A 118 4.37 4.01 9.27
N TRP A 119 3.34 4.15 8.43
CA TRP A 119 2.02 4.56 8.94
C TRP A 119 1.64 3.62 10.09
N PRO A 120 1.01 4.15 11.16
CA PRO A 120 0.70 3.32 12.31
C PRO A 120 -0.27 2.19 12.01
N ASP A 121 -1.14 2.32 11.02
CA ASP A 121 -2.09 1.27 10.72
C ASP A 121 -1.38 0.00 10.24
N ASP A 122 -0.20 0.13 9.65
CA ASP A 122 0.45 -1.03 9.01
C ASP A 122 0.69 -2.15 10.02
N SER A 123 0.97 -1.78 11.26
N SER A 123 0.97 -1.83 11.26
CA SER A 123 1.22 -2.75 12.35
CA SER A 123 1.29 -2.93 12.21
C SER A 123 0.05 -3.74 12.46
C SER A 123 0.04 -3.77 12.51
N TYR A 124 -1.16 -3.26 12.21
CA TYR A 124 -2.38 -4.03 12.35
C TYR A 124 -2.60 -4.98 11.19
N TRP A 125 -2.48 -4.52 9.96
CA TRP A 125 -2.84 -5.36 8.81
C TRP A 125 -1.68 -6.03 8.14
N PHE A 126 -0.44 -5.59 8.35
CA PHE A 126 0.70 -6.35 7.78
C PHE A 126 0.74 -7.80 8.24
N PRO A 127 0.44 -8.17 9.49
CA PRO A 127 0.50 -9.58 9.88
C PRO A 127 -0.42 -10.43 8.99
N LEU A 128 -1.55 -9.83 8.63
CA LEU A 128 -2.53 -10.52 7.77
C LEU A 128 -1.99 -10.64 6.34
N LEU A 129 -1.48 -9.53 5.81
CA LEU A 129 -0.84 -9.58 4.47
C LEU A 129 0.24 -10.66 4.40
N LEU A 130 1.10 -10.73 5.40
CA LEU A 130 2.24 -11.67 5.36
C LEU A 130 1.78 -13.12 5.40
N GLN A 131 0.62 -13.40 5.94
CA GLN A 131 0.07 -14.77 6.01
C GLN A 131 -1.01 -14.94 4.93
N LYS A 132 -1.01 -14.11 3.89
CA LYS A 132 -1.88 -14.33 2.72
C LYS A 132 -3.35 -14.30 3.12
N LYS A 133 -3.68 -13.48 4.09
CA LYS A 133 -5.07 -13.30 4.48
C LYS A 133 -5.57 -12.05 3.78
N LYS A 134 -6.87 -12.02 3.57
CA LYS A 134 -7.55 -10.86 3.00
C LYS A 134 -8.31 -10.14 4.09
N PHE A 135 -8.56 -8.84 3.92
CA PHE A 135 -9.09 -8.07 5.04
C PHE A 135 -9.87 -6.85 4.57
N HIS A 136 -10.72 -6.40 5.47
CA HIS A 136 -11.40 -5.08 5.40
C HIS A 136 -11.06 -4.31 6.65
N GLY A 137 -10.56 -3.10 6.49
CA GLY A 137 -10.16 -2.26 7.60
C GLY A 137 -10.77 -0.88 7.52
N TYR A 138 -10.79 -0.20 8.66
CA TYR A 138 -11.23 1.19 8.78
C TYR A 138 -10.32 1.80 9.86
N PHE A 139 -9.68 2.92 9.58
CA PHE A 139 -8.84 3.60 10.58
C PHE A 139 -9.21 5.06 10.60
N LYS A 140 -9.50 5.58 11.79
CA LYS A 140 -9.75 7.02 12.02
C LYS A 140 -8.51 7.59 12.67
N PHE A 141 -7.91 8.55 11.99
CA PHE A 141 -6.67 9.23 12.41
C PHE A 141 -6.95 10.66 12.85
N GLN A 142 -6.19 11.11 13.83
CA GLN A 142 -5.99 12.53 14.14
C GLN A 142 -4.55 12.91 13.76
N GLY A 143 -4.38 13.67 12.69
CA GLY A 143 -3.03 13.91 12.13
C GLY A 143 -2.43 12.63 11.61
N GLN A 144 -1.14 12.62 11.44
CA GLN A 144 -0.49 11.48 10.76
C GLN A 144 -0.04 10.43 11.78
N ASP A 145 -0.16 10.70 13.08
CA ASP A 145 0.49 9.81 14.06
C ASP A 145 -0.46 9.06 14.96
N THR A 146 -1.71 9.47 15.05
CA THR A 146 -2.59 8.95 16.12
C THR A 146 -3.81 8.26 15.50
N ILE A 147 -3.97 7.00 15.82
CA ILE A 147 -5.21 6.25 15.51
C ILE A 147 -6.17 6.41 16.67
N LEU A 148 -7.28 7.06 16.39
CA LEU A 148 -8.33 7.27 17.42
C LEU A 148 -9.16 6.00 17.59
N ASP A 149 -9.50 5.35 16.49
CA ASP A 149 -10.40 4.18 16.48
C ASP A 149 -10.14 3.39 15.20
N TYR A 150 -10.39 2.11 15.21
CA TYR A 150 -10.25 1.28 14.01
C TYR A 150 -11.11 0.04 14.10
N THR A 151 -11.32 -0.56 12.94
CA THR A 151 -11.84 -1.92 12.82
C THR A 151 -11.00 -2.66 11.81
N LEU A 152 -10.88 -3.96 11.97
CA LEU A 152 -10.12 -4.77 11.02
C LEU A 152 -10.64 -6.17 11.10
N ARG A 153 -11.07 -6.75 10.00
CA ARG A 153 -11.55 -8.14 10.00
C ARG A 153 -11.05 -8.86 8.76
N GLU A 154 -10.72 -10.13 8.94
CA GLU A 154 -10.41 -11.00 7.79
C GLU A 154 -11.67 -11.31 6.99
N VAL A 155 -11.53 -11.44 5.69
CA VAL A 155 -12.65 -11.77 4.77
C VAL A 155 -12.20 -12.81 3.76
N ASP A 156 -13.16 -13.52 3.19
CA ASP A 156 -12.86 -14.49 2.11
C ASP A 156 -12.78 -13.79 0.76
N THR A 157 -13.53 -12.71 0.57
N THR A 157 -13.53 -12.68 0.65
CA THR A 157 -13.44 -11.97 -0.72
CA THR A 157 -13.72 -11.93 -0.61
C THR A 157 -13.40 -10.50 -0.41
C THR A 157 -13.38 -10.48 -0.30
N VAL A 158 -12.44 -9.86 -1.03
CA VAL A 158 -12.20 -8.43 -0.80
C VAL A 158 -13.35 -7.62 -1.38
#